data_4QTF
#
_entry.id   4QTF
#
_cell.length_a   57.272
_cell.length_b   65.881
_cell.length_c   207.456
_cell.angle_alpha   90.00
_cell.angle_beta   90.00
_cell.angle_gamma   90.00
#
_symmetry.space_group_name_H-M   'C 2 2 21'
#
loop_
_entity.id
_entity.type
_entity.pdbx_description
1 polymer 'L,d-transpeptidase LdtB'
2 non-polymer GLCNAC(BETA1-4)-MURNAC(1,6-ANHYDRO)-L-ALA-GAMMA-D-GLU-MESO-A2PM-D-ALA
3 non-polymer (3S,5S)-3-({[(aminomethyl)amino]methyl}sulfanyl)-5-[(2S)-1,3-dioxobutan-2-yl]-L-proline
4 water water
#
_entity_poly.entity_id   1
_entity_poly.type   'polypeptide(L)'
_entity_poly.pdbx_seq_one_letter_code
;VPKLTASVTDGAVGVTVDAPVSVTAADGVLAAVTMVNDNGRPVAGRLSPDGLRWSTTEQLGYNRRYTLNATALGLGGAAT
RQLTFQTSSPAHLTMPYVMPGDGEVVGVGEPVAIRFDENIADRGAAEKAIKITTNPPVEGAFYWLNNREVRWRPEHFWKP
GTAVDVAVNTYGVDLGEGMFGEDNVQTHFTIGDEVIATADDNTKILTVRVNGEVVKSMPTSMGKDSTPTANGIYIVGSRY
KHIIMDSSTYGVPVNSPNGYRTDVDWATQISYSGVFVHSAPWSVGAQGHTNTSHGCLNVSPSNAQWFYDHVKRGDIVEVV
NTVGGTLPGIDGLGDWNIPWDQWRAGNAK
;
_entity_poly.pdbx_strand_id   A
#
loop_
_chem_comp.id
_chem_comp.type
_chem_comp.name
_chem_comp.formula
3V5 non-polymer (3S,5S)-3-({[(aminomethyl)amino]methyl}sulfanyl)-5-[(2S)-1,3-dioxobutan-2-yl]-L-proline 'C11 H19 N3 O4 S'
MLD non-polymer GLCNAC(BETA1-4)-MURNAC(1,6-ANHYDRO)-L-ALA-GAMMA-D-GLU-MESO-A2PM-D-ALA 'C37 H59 N7 O20'
#
# COMPACT_ATOMS: atom_id res chain seq x y z
N VAL A 1 43.08 -25.70 12.38
CA VAL A 1 42.52 -25.64 11.05
C VAL A 1 41.41 -24.66 11.04
N PRO A 2 41.06 -24.20 9.87
CA PRO A 2 40.01 -23.19 9.82
C PRO A 2 38.69 -23.59 10.50
N LYS A 3 37.97 -22.62 11.05
CA LYS A 3 36.66 -22.84 11.72
C LYS A 3 35.63 -22.40 10.73
N LEU A 4 34.70 -23.30 10.39
CA LEU A 4 33.63 -22.97 9.48
C LEU A 4 32.34 -22.72 10.24
N THR A 5 31.64 -21.63 9.96
CA THR A 5 30.27 -21.53 10.49
C THR A 5 29.27 -21.25 9.38
N ALA A 6 28.03 -21.69 9.59
CA ALA A 6 26.94 -21.37 8.65
C ALA A 6 25.69 -20.81 9.33
N SER A 7 24.89 -20.02 8.61
CA SER A 7 23.67 -19.41 9.13
C SER A 7 22.51 -20.44 9.22
N VAL A 8 22.79 -21.69 8.87
CA VAL A 8 21.79 -22.77 8.93
C VAL A 8 22.49 -23.91 9.58
N THR A 9 21.70 -24.83 10.13
CA THR A 9 22.22 -25.99 10.85
C THR A 9 21.93 -27.26 10.12
N ASP A 10 22.84 -28.20 10.18
CA ASP A 10 22.75 -29.45 9.50
C ASP A 10 21.51 -30.21 9.96
N GLY A 11 20.76 -30.74 8.98
CA GLY A 11 19.49 -31.35 9.26
C GLY A 11 18.31 -30.44 9.58
N ALA A 12 18.45 -29.12 9.59
CA ALA A 12 17.28 -28.30 9.89
C ALA A 12 16.18 -28.51 8.83
N VAL A 13 14.95 -28.44 9.28
CA VAL A 13 13.78 -28.35 8.43
C VAL A 13 13.05 -27.04 8.69
N GLY A 14 12.15 -26.69 7.78
CA GLY A 14 11.34 -25.47 7.91
C GLY A 14 12.22 -24.23 7.87
N VAL A 15 13.39 -24.32 7.23
CA VAL A 15 14.27 -23.18 7.13
C VAL A 15 13.68 -22.15 6.20
N THR A 16 13.61 -20.92 6.70
CA THR A 16 12.86 -19.86 5.96
C THR A 16 13.69 -19.27 4.91
N VAL A 17 13.07 -18.96 3.79
CA VAL A 17 13.77 -18.41 2.61
C VAL A 17 13.66 -16.88 2.47
N ASP A 18 13.36 -16.22 3.56
CA ASP A 18 13.40 -14.79 3.60
C ASP A 18 14.82 -14.25 3.70
N ALA A 19 15.79 -15.10 3.98
CA ALA A 19 17.15 -14.63 4.18
C ALA A 19 18.16 -15.38 3.33
N PRO A 20 19.22 -14.73 2.88
CA PRO A 20 20.23 -15.51 2.20
C PRO A 20 20.87 -16.52 3.18
N VAL A 21 21.59 -17.50 2.64
CA VAL A 21 22.33 -18.39 3.46
C VAL A 21 23.81 -17.97 3.37
N SER A 22 24.50 -17.98 4.51
CA SER A 22 25.87 -17.52 4.54
C SER A 22 26.79 -18.50 5.23
N VAL A 23 28.08 -18.43 4.89
CA VAL A 23 29.13 -19.25 5.43
C VAL A 23 30.33 -18.30 5.72
N THR A 24 31.03 -18.56 6.81
CA THR A 24 32.12 -17.68 7.34
C THR A 24 33.29 -18.59 7.61
N ALA A 25 34.52 -18.12 7.37
CA ALA A 25 35.68 -18.85 7.90
C ALA A 25 36.42 -17.99 8.89
N ALA A 26 36.90 -18.66 9.91
CA ALA A 26 37.84 -18.12 10.85
C ALA A 26 39.12 -18.96 10.90
N ASP A 27 40.22 -18.28 11.20
CA ASP A 27 41.56 -18.87 11.27
C ASP A 27 41.92 -19.35 9.90
N GLY A 28 41.42 -18.66 8.90
CA GLY A 28 41.70 -19.07 7.53
C GLY A 28 40.74 -18.42 6.57
N VAL A 29 40.69 -18.93 5.35
CA VAL A 29 39.84 -18.35 4.33
C VAL A 29 39.08 -19.43 3.59
N LEU A 30 37.93 -19.07 3.02
CA LEU A 30 37.15 -20.01 2.22
C LEU A 30 37.80 -20.12 0.85
N ALA A 31 38.05 -21.34 0.41
CA ALA A 31 38.52 -21.58 -0.97
C ALA A 31 37.36 -21.65 -1.94
N ALA A 32 36.28 -22.29 -1.49
CA ALA A 32 35.07 -22.39 -2.32
C ALA A 32 33.95 -22.91 -1.48
N VAL A 33 32.75 -22.50 -1.88
CA VAL A 33 31.53 -22.91 -1.22
C VAL A 33 30.52 -23.20 -2.35
N THR A 34 29.78 -24.31 -2.30
CA THR A 34 28.82 -24.61 -3.34
C THR A 34 27.56 -24.99 -2.56
N MET A 35 26.38 -24.61 -3.05
CA MET A 35 25.10 -25.08 -2.46
C MET A 35 24.25 -25.57 -3.61
N VAL A 36 23.80 -26.84 -3.53
CA VAL A 36 23.08 -27.47 -4.61
C VAL A 36 21.72 -27.96 -4.10
N ASN A 37 20.77 -27.98 -5.02
CA ASN A 37 19.47 -28.65 -4.72
C ASN A 37 19.53 -30.17 -4.97
N ASP A 38 18.45 -30.87 -4.77
CA ASP A 38 18.46 -32.32 -4.92
C ASP A 38 18.50 -32.80 -6.34
N ASN A 39 18.54 -31.89 -7.31
CA ASN A 39 18.90 -32.29 -8.72
C ASN A 39 20.35 -31.86 -9.05
N GLY A 40 21.09 -31.42 -8.03
CA GLY A 40 22.50 -31.15 -8.29
C GLY A 40 22.78 -29.75 -8.86
N ARG A 41 21.76 -28.92 -8.94
CA ARG A 41 21.87 -27.60 -9.57
C ARG A 41 22.32 -26.52 -8.61
N PRO A 42 23.37 -25.79 -8.95
CA PRO A 42 23.88 -24.82 -8.01
C PRO A 42 22.96 -23.62 -7.79
N VAL A 43 22.97 -23.11 -6.57
CA VAL A 43 22.36 -21.82 -6.19
C VAL A 43 23.47 -20.76 -6.48
N ALA A 44 23.12 -19.64 -7.06
CA ALA A 44 24.09 -18.58 -7.19
C ALA A 44 24.62 -18.08 -5.86
N GLY A 45 25.91 -17.78 -5.79
CA GLY A 45 26.43 -17.25 -4.53
C GLY A 45 27.66 -16.35 -4.80
N ARG A 46 28.20 -15.73 -3.77
CA ARG A 46 29.38 -14.92 -3.99
C ARG A 46 30.27 -14.93 -2.75
N LEU A 47 31.54 -15.16 -3.02
CA LEU A 47 32.59 -15.20 -2.09
C LEU A 47 33.19 -13.78 -1.94
N SER A 48 33.38 -13.31 -0.71
CA SER A 48 33.91 -11.96 -0.49
C SER A 48 35.33 -11.84 -0.99
N PRO A 49 35.75 -10.64 -1.40
CA PRO A 49 37.19 -10.57 -1.84
C PRO A 49 38.23 -11.12 -0.84
N ASP A 50 37.99 -10.89 0.44
CA ASP A 50 38.92 -11.31 1.48
C ASP A 50 38.92 -12.82 1.70
N GLY A 51 37.85 -13.47 1.28
CA GLY A 51 37.70 -14.90 1.45
C GLY A 51 37.09 -15.31 2.77
N LEU A 52 36.61 -14.34 3.56
CA LEU A 52 36.13 -14.64 4.92
C LEU A 52 34.67 -15.04 4.88
N ARG A 53 33.92 -14.65 3.86
CA ARG A 53 32.50 -14.99 3.93
C ARG A 53 31.89 -15.25 2.60
N TRP A 54 30.91 -16.15 2.52
CA TRP A 54 30.18 -16.39 1.27
C TRP A 54 28.67 -16.26 1.55
N SER A 55 27.94 -15.83 0.53
CA SER A 55 26.48 -15.77 0.62
C SER A 55 25.82 -16.18 -0.65
N THR A 56 24.59 -16.73 -0.51
CA THR A 56 23.74 -16.93 -1.64
C THR A 56 23.35 -15.50 -2.12
N THR A 57 23.12 -15.38 -3.39
CA THR A 57 22.75 -14.10 -4.00
C THR A 57 21.42 -14.13 -4.74
N GLU A 58 20.69 -15.21 -4.70
CA GLU A 58 19.42 -15.31 -5.41
C GLU A 58 18.38 -16.04 -4.52
N GLN A 59 17.10 -15.87 -4.81
CA GLN A 59 16.13 -16.42 -3.87
C GLN A 59 16.17 -17.96 -3.88
N LEU A 60 16.03 -18.54 -2.71
CA LEU A 60 15.99 -19.99 -2.55
C LEU A 60 14.56 -20.48 -2.75
N GLY A 61 14.35 -21.73 -3.18
CA GLY A 61 13.02 -22.28 -3.30
C GLY A 61 12.33 -22.80 -2.08
N TYR A 62 11.00 -22.75 -2.12
CA TYR A 62 10.21 -23.47 -1.14
C TYR A 62 10.32 -24.99 -1.34
N ASN A 63 10.15 -25.72 -0.26
CA ASN A 63 10.02 -27.15 -0.42
C ASN A 63 11.19 -27.86 -0.98
N ARG A 64 12.38 -27.32 -0.72
CA ARG A 64 13.61 -27.81 -1.28
C ARG A 64 14.62 -28.23 -0.23
N ARG A 65 15.41 -29.21 -0.59
CA ARG A 65 16.55 -29.62 0.15
C ARG A 65 17.76 -29.02 -0.54
N TYR A 66 18.69 -28.55 0.25
CA TYR A 66 19.90 -28.02 -0.23
C TYR A 66 21.08 -28.61 0.48
N THR A 67 22.13 -28.87 -0.26
CA THR A 67 23.36 -29.39 0.27
C THR A 67 24.46 -28.36 0.07
N LEU A 68 25.10 -28.01 1.18
CA LEU A 68 26.13 -26.99 1.28
C LEU A 68 27.50 -27.57 1.51
N ASN A 69 28.42 -27.30 0.61
CA ASN A 69 29.79 -27.85 0.70
C ASN A 69 30.76 -26.67 0.76
N ALA A 70 31.66 -26.69 1.74
CA ALA A 70 32.62 -25.60 1.96
C ALA A 70 33.98 -26.15 2.27
N THR A 71 34.99 -25.50 1.70
CA THR A 71 36.40 -25.84 1.96
C THR A 71 37.12 -24.57 2.36
N ALA A 72 37.80 -24.63 3.50
CA ALA A 72 38.63 -23.54 3.94
C ALA A 72 40.07 -23.96 4.19
N LEU A 73 40.97 -23.02 4.04
CA LEU A 73 42.37 -23.24 4.15
C LEU A 73 42.94 -22.16 4.99
N GLY A 74 43.78 -22.54 5.92
CA GLY A 74 44.51 -21.61 6.74
C GLY A 74 45.90 -22.12 7.10
N LEU A 75 46.57 -21.44 8.02
CA LEU A 75 47.90 -21.82 8.41
C LEU A 75 47.80 -22.94 9.43
N GLY A 76 46.69 -23.64 9.40
CA GLY A 76 46.53 -24.82 10.20
C GLY A 76 46.30 -26.04 9.33
N GLY A 77 46.12 -25.81 8.05
CA GLY A 77 45.78 -26.88 7.13
C GLY A 77 44.46 -26.53 6.49
N ALA A 78 43.67 -27.54 6.13
CA ALA A 78 42.38 -27.31 5.52
C ALA A 78 41.24 -27.92 6.33
N ALA A 79 40.03 -27.48 6.05
CA ALA A 79 38.82 -28.08 6.58
C ALA A 79 37.81 -28.09 5.50
N THR A 80 37.05 -29.16 5.38
CA THR A 80 35.96 -29.23 4.44
C THR A 80 34.79 -29.78 5.19
N ARG A 81 33.64 -29.17 5.02
CA ARG A 81 32.47 -29.55 5.75
C ARG A 81 31.29 -29.52 4.79
N GLN A 82 30.22 -30.18 5.21
CA GLN A 82 29.05 -30.38 4.42
C GLN A 82 27.88 -30.38 5.40
N LEU A 83 26.77 -29.81 4.96
CA LEU A 83 25.49 -29.89 5.71
C LEU A 83 24.34 -29.89 4.68
N THR A 84 23.19 -30.44 5.05
CA THR A 84 22.01 -30.33 4.19
C THR A 84 20.87 -29.82 5.12
N PHE A 85 19.96 -29.02 4.59
CA PHE A 85 18.73 -28.55 5.32
C PHE A 85 17.59 -28.45 4.29
N GLN A 86 16.38 -28.29 4.78
CA GLN A 86 15.17 -28.24 4.01
C GLN A 86 14.39 -26.98 4.34
N THR A 87 13.86 -26.37 3.31
CA THR A 87 13.25 -25.08 3.41
C THR A 87 11.75 -25.26 3.67
N SER A 88 11.08 -24.19 4.07
CA SER A 88 9.62 -24.15 4.36
C SER A 88 8.80 -24.82 3.27
N SER A 89 7.78 -25.56 3.68
CA SER A 89 6.79 -26.11 2.78
C SER A 89 5.47 -25.41 3.04
N PRO A 90 5.11 -24.42 2.19
CA PRO A 90 3.89 -23.68 2.44
C PRO A 90 2.64 -24.51 2.22
N ALA A 91 1.58 -24.24 2.99
CA ALA A 91 0.23 -24.75 2.70
C ALA A 91 -0.30 -23.94 1.55
N HIS A 92 -0.02 -22.63 1.52
CA HIS A 92 -0.57 -21.71 0.51
C HIS A 92 0.36 -20.51 0.27
N LEU A 93 0.12 -19.79 -0.84
CA LEU A 93 0.85 -18.59 -1.18
C LEU A 93 -0.07 -17.39 -1.36
N THR A 94 0.42 -16.19 -1.08
CA THR A 94 -0.23 -14.97 -1.47
C THR A 94 0.74 -13.94 -2.04
N MET A 95 0.27 -13.11 -2.95
CA MET A 95 1.07 -12.15 -3.62
C MET A 95 0.58 -10.80 -3.13
N PRO A 96 1.49 -9.97 -2.68
CA PRO A 96 1.07 -8.63 -2.26
C PRO A 96 1.08 -7.66 -3.42
N TYR A 97 0.26 -6.63 -3.28
CA TYR A 97 0.22 -5.56 -4.26
C TYR A 97 0.24 -4.26 -3.48
N VAL A 98 1.08 -3.34 -3.91
CA VAL A 98 1.34 -2.17 -3.11
C VAL A 98 0.95 -0.95 -3.90
N MET A 99 0.25 0.00 -3.26
CA MET A 99 -0.04 1.31 -3.85
C MET A 99 0.54 2.37 -2.92
N PRO A 100 0.85 3.57 -3.44
CA PRO A 100 0.66 3.93 -4.83
C PRO A 100 1.79 3.38 -5.72
N GLY A 101 1.80 3.69 -7.03
CA GLY A 101 2.75 3.02 -7.95
C GLY A 101 4.13 3.64 -7.84
N ASP A 102 5.11 2.94 -8.35
CA ASP A 102 6.49 3.31 -8.25
C ASP A 102 6.82 4.56 -9.04
N GLY A 103 7.51 5.50 -8.42
CA GLY A 103 7.81 6.79 -9.07
C GLY A 103 6.72 7.87 -9.06
N GLU A 104 5.53 7.59 -8.54
CA GLU A 104 4.49 8.61 -8.59
C GLU A 104 4.67 9.70 -7.57
N VAL A 105 4.13 10.87 -7.90
CA VAL A 105 4.00 11.95 -6.97
C VAL A 105 2.54 11.92 -6.54
N VAL A 106 2.31 11.96 -5.22
CA VAL A 106 0.94 11.87 -4.70
C VAL A 106 0.72 12.97 -3.71
N GLY A 107 -0.53 13.23 -3.36
CA GLY A 107 -0.77 14.24 -2.36
C GLY A 107 -0.57 13.83 -0.90
N VAL A 108 -0.76 14.82 -0.04
CA VAL A 108 -0.41 14.71 1.38
C VAL A 108 -1.28 13.80 2.22
N GLY A 109 -2.34 13.27 1.62
CA GLY A 109 -3.21 12.34 2.30
C GLY A 109 -3.05 10.91 1.88
N GLU A 110 -2.07 10.63 1.04
CA GLU A 110 -2.02 9.33 0.44
C GLU A 110 -1.40 8.29 1.46
N PRO A 111 -2.14 7.25 1.86
CA PRO A 111 -1.52 6.20 2.70
C PRO A 111 -0.68 5.26 1.87
N VAL A 112 0.23 4.52 2.53
CA VAL A 112 0.75 3.28 1.94
C VAL A 112 -0.32 2.19 2.05
N ALA A 113 -0.51 1.46 0.97
CA ALA A 113 -1.52 0.44 0.90
C ALA A 113 -0.91 -0.86 0.36
N ILE A 114 -1.00 -1.93 1.15
CA ILE A 114 -0.52 -3.19 0.71
C ILE A 114 -1.69 -4.12 0.81
N ARG A 115 -2.08 -4.61 -0.35
CA ARG A 115 -3.19 -5.56 -0.50
C ARG A 115 -2.68 -6.93 -0.91
N PHE A 116 -3.02 -7.92 -0.14
CA PHE A 116 -2.74 -9.30 -0.43
C PHE A 116 -3.92 -9.93 -1.19
N ASP A 117 -3.60 -10.95 -1.96
CA ASP A 117 -4.61 -11.62 -2.73
C ASP A 117 -5.24 -12.78 -1.99
N GLU A 118 -4.93 -12.93 -0.71
CA GLU A 118 -5.56 -13.91 0.15
C GLU A 118 -5.71 -13.38 1.57
N ASN A 119 -6.63 -13.94 2.32
CA ASN A 119 -6.79 -13.53 3.73
C ASN A 119 -5.55 -13.81 4.51
N ILE A 120 -5.19 -12.85 5.36
CA ILE A 120 -4.00 -12.90 6.15
C ILE A 120 -4.33 -13.31 7.59
N ALA A 121 -3.90 -14.48 8.01
CA ALA A 121 -4.23 -14.97 9.34
C ALA A 121 -3.34 -14.41 10.45
N ASP A 122 -2.10 -14.06 10.11
CA ASP A 122 -1.16 -13.46 11.07
C ASP A 122 -0.77 -12.02 10.61
N ARG A 123 -1.59 -11.09 11.03
CA ARG A 123 -1.47 -9.67 10.59
C ARG A 123 -0.16 -9.13 11.11
N GLY A 124 0.22 -9.51 12.34
CA GLY A 124 1.50 -9.05 12.89
C GLY A 124 2.71 -9.44 12.05
N ALA A 125 2.69 -10.64 11.49
CA ALA A 125 3.76 -11.05 10.62
C ALA A 125 3.80 -10.21 9.37
N ALA A 126 2.65 -9.92 8.76
CA ALA A 126 2.66 -9.10 7.58
C ALA A 126 3.24 -7.73 7.89
N GLU A 127 2.82 -7.14 9.00
CA GLU A 127 3.34 -5.81 9.38
C GLU A 127 4.85 -5.80 9.51
N LYS A 128 5.40 -6.77 10.23
CA LYS A 128 6.84 -6.82 10.54
C LYS A 128 7.62 -7.01 9.22
N ALA A 129 7.04 -7.68 8.24
CA ALA A 129 7.66 -7.92 6.94
C ALA A 129 7.67 -6.70 5.99
N ILE A 130 6.91 -5.66 6.34
CA ILE A 130 6.77 -4.48 5.50
C ILE A 130 7.63 -3.37 6.09
N LYS A 131 8.67 -2.98 5.35
CA LYS A 131 9.57 -1.91 5.85
C LYS A 131 9.41 -0.63 5.09
N ILE A 132 8.94 0.41 5.78
CA ILE A 132 8.69 1.73 5.21
C ILE A 132 9.76 2.70 5.70
N THR A 133 10.42 3.40 4.76
CA THR A 133 11.41 4.41 5.05
C THR A 133 10.84 5.70 4.58
N THR A 134 11.06 6.76 5.34
CA THR A 134 10.62 8.09 4.98
C THR A 134 11.82 9.03 5.16
N ASN A 135 11.83 10.05 4.32
CA ASN A 135 12.76 11.14 4.39
C ASN A 135 12.04 12.42 3.97
N PRO A 136 11.85 13.36 4.89
CA PRO A 136 12.28 13.32 6.30
C PRO A 136 11.60 12.26 7.10
N PRO A 137 12.28 11.68 8.09
CA PRO A 137 11.69 10.57 8.82
C PRO A 137 10.42 11.02 9.58
N VAL A 138 9.38 10.23 9.54
CA VAL A 138 8.15 10.60 10.21
C VAL A 138 7.55 9.29 10.76
N GLU A 139 7.00 9.36 11.97
CA GLU A 139 6.36 8.20 12.61
C GLU A 139 5.03 7.92 11.91
N GLY A 140 4.76 6.68 11.62
CA GLY A 140 3.40 6.25 11.18
C GLY A 140 3.10 4.90 11.73
N ALA A 141 1.97 4.32 11.30
CA ALA A 141 1.55 3.05 11.84
C ALA A 141 0.62 2.35 10.87
N PHE A 142 0.58 1.03 11.03
CA PHE A 142 -0.33 0.14 10.27
C PHE A 142 -1.72 0.03 10.91
N TYR A 143 -2.68 -0.09 10.03
CA TYR A 143 -4.06 -0.34 10.33
C TYR A 143 -4.71 -1.09 9.15
N TRP A 144 -5.41 -2.18 9.45
CA TRP A 144 -6.11 -3.03 8.52
C TRP A 144 -7.51 -2.54 8.15
N LEU A 145 -7.73 -2.26 6.87
CA LEU A 145 -9.08 -1.99 6.44
C LEU A 145 -9.92 -3.27 6.25
N ASN A 146 -9.32 -4.42 6.04
CA ASN A 146 -10.10 -5.63 5.84
C ASN A 146 -9.11 -6.71 5.96
N ASN A 147 -9.50 -7.92 5.63
CA ASN A 147 -8.68 -9.07 5.92
C ASN A 147 -7.49 -9.14 4.97
N ARG A 148 -7.53 -8.37 3.90
CA ARG A 148 -6.52 -8.45 2.88
C ARG A 148 -5.63 -7.23 2.74
N GLU A 149 -6.06 -6.07 3.22
CA GLU A 149 -5.41 -4.83 2.89
C GLU A 149 -5.07 -4.06 4.16
N VAL A 150 -3.79 -3.72 4.26
CA VAL A 150 -3.28 -2.95 5.36
C VAL A 150 -2.83 -1.57 4.85
N ARG A 151 -3.04 -0.56 5.66
CA ARG A 151 -2.64 0.86 5.32
C ARG A 151 -1.58 1.34 6.29
N TRP A 152 -0.72 2.25 5.86
CA TRP A 152 0.22 2.91 6.77
C TRP A 152 0.20 4.39 6.47
N ARG A 153 0.19 5.21 7.50
CA ARG A 153 0.19 6.66 7.40
C ARG A 153 0.70 7.31 8.67
N PRO A 154 1.11 8.55 8.58
CA PRO A 154 1.48 9.35 9.73
C PRO A 154 0.27 9.85 10.47
N GLU A 155 0.53 10.45 11.63
CA GLU A 155 -0.55 11.04 12.44
C GLU A 155 -1.21 12.20 11.70
N HIS A 156 -0.39 13.06 11.06
CA HIS A 156 -0.85 14.19 10.33
C HIS A 156 -0.57 14.00 8.85
N PHE A 157 -1.14 14.83 8.01
CA PHE A 157 -0.88 14.78 6.57
C PHE A 157 0.61 14.82 6.35
N TRP A 158 1.08 14.13 5.31
CA TRP A 158 2.48 14.13 5.00
C TRP A 158 2.97 15.53 4.73
N LYS A 159 4.22 15.76 4.99
CA LYS A 159 4.79 17.02 4.67
C LYS A 159 5.23 16.93 3.19
N PRO A 160 4.94 17.96 2.37
CA PRO A 160 5.41 17.96 1.01
C PRO A 160 6.92 17.77 0.84
N GLY A 161 7.29 17.06 -0.20
CA GLY A 161 8.69 16.83 -0.46
C GLY A 161 9.20 15.59 0.25
N THR A 162 8.29 14.75 0.76
CA THR A 162 8.76 13.54 1.53
C THR A 162 8.95 12.39 0.57
N ALA A 163 10.11 11.71 0.66
CA ALA A 163 10.39 10.46 -0.04
C ALA A 163 9.89 9.31 0.85
N VAL A 164 9.20 8.37 0.21
CA VAL A 164 8.66 7.20 0.82
C VAL A 164 9.11 5.99 0.04
N ASP A 165 9.77 5.09 0.78
CA ASP A 165 10.24 3.87 0.15
C ASP A 165 9.62 2.70 0.86
N VAL A 166 9.09 1.77 0.08
CA VAL A 166 8.35 0.65 0.62
C VAL A 166 8.88 -0.70 0.16
N ALA A 167 9.38 -1.48 1.08
CA ALA A 167 9.80 -2.81 0.80
C ALA A 167 8.88 -3.79 1.44
N VAL A 168 8.11 -4.52 0.64
CA VAL A 168 7.24 -5.53 1.19
C VAL A 168 7.98 -6.88 1.13
N ASN A 169 8.66 -7.26 2.20
CA ASN A 169 9.59 -8.41 2.14
C ASN A 169 8.88 -9.67 2.66
N THR A 170 7.86 -10.09 1.92
CA THR A 170 7.06 -11.16 2.30
C THR A 170 7.52 -12.54 1.78
N TYR A 171 8.48 -12.60 0.85
CA TYR A 171 8.99 -13.90 0.39
C TYR A 171 9.62 -14.64 1.53
N GLY A 172 9.16 -15.87 1.75
CA GLY A 172 9.67 -16.69 2.83
C GLY A 172 9.13 -16.44 4.22
N VAL A 173 8.11 -15.61 4.34
CA VAL A 173 7.54 -15.27 5.65
C VAL A 173 6.24 -16.04 5.73
N ASP A 174 6.07 -16.68 6.86
CA ASP A 174 4.88 -17.36 7.21
C ASP A 174 3.82 -16.31 7.69
N LEU A 175 2.81 -16.05 6.88
CA LEU A 175 1.80 -15.05 7.22
C LEU A 175 0.60 -15.64 7.95
N GLY A 176 0.80 -16.84 8.45
CA GLY A 176 -0.18 -17.52 9.34
C GLY A 176 -0.80 -18.67 8.60
N GLU A 177 -1.08 -19.75 9.32
CA GLU A 177 -1.73 -20.91 8.74
C GLU A 177 -1.02 -21.46 7.49
N GLY A 178 0.30 -21.48 7.54
CA GLY A 178 1.13 -22.06 6.48
C GLY A 178 1.07 -21.30 5.18
N MET A 179 0.65 -20.04 5.25
CA MET A 179 0.52 -19.20 4.06
C MET A 179 1.76 -18.30 3.98
N PHE A 180 2.56 -18.48 2.92
CA PHE A 180 3.81 -17.71 2.73
C PHE A 180 3.70 -16.74 1.55
N GLY A 181 4.56 -15.73 1.50
CA GLY A 181 4.50 -14.77 0.41
C GLY A 181 5.09 -15.38 -0.84
N GLU A 182 4.50 -15.07 -1.95
CA GLU A 182 4.94 -15.59 -3.21
C GLU A 182 6.18 -14.90 -3.67
N ASP A 183 6.27 -13.60 -3.39
CA ASP A 183 7.41 -12.81 -3.81
C ASP A 183 7.36 -11.40 -3.23
N ASN A 184 8.53 -10.83 -3.03
CA ASN A 184 8.66 -9.47 -2.49
C ASN A 184 8.13 -8.46 -3.49
N VAL A 185 7.77 -7.26 -3.04
CA VAL A 185 7.50 -6.15 -3.92
C VAL A 185 8.12 -4.90 -3.30
N GLN A 186 8.39 -3.91 -4.13
CA GLN A 186 8.94 -2.64 -3.70
C GLN A 186 8.20 -1.55 -4.39
N THR A 187 8.25 -0.40 -3.76
CA THR A 187 7.81 0.78 -4.43
C THR A 187 8.41 2.00 -3.78
N HIS A 188 8.39 3.09 -4.53
CA HIS A 188 8.93 4.34 -4.05
C HIS A 188 8.04 5.41 -4.60
N PHE A 189 7.62 6.35 -3.73
CA PHE A 189 6.82 7.50 -4.17
C PHE A 189 7.22 8.81 -3.43
N THR A 190 6.73 9.89 -3.92
CA THR A 190 7.07 11.21 -3.41
C THR A 190 5.81 11.98 -3.13
N ILE A 191 5.83 12.73 -2.03
CA ILE A 191 4.72 13.58 -1.67
C ILE A 191 4.90 14.96 -2.25
N GLY A 192 3.87 15.40 -2.95
CA GLY A 192 3.90 16.73 -3.58
C GLY A 192 3.29 17.81 -2.76
N ASP A 193 2.80 18.85 -3.46
CA ASP A 193 2.19 20.01 -2.84
C ASP A 193 1.00 19.60 -1.95
N GLU A 194 0.81 20.36 -0.87
CA GLU A 194 -0.34 20.26 0.00
C GLU A 194 -1.53 20.91 -0.65
N VAL A 195 -2.51 20.08 -1.02
CA VAL A 195 -3.74 20.50 -1.67
C VAL A 195 -4.89 19.96 -0.84
N ILE A 196 -5.69 20.87 -0.29
CA ILE A 196 -6.82 20.53 0.60
C ILE A 196 -7.97 21.39 0.12
N ALA A 197 -9.00 20.74 -0.37
CA ALA A 197 -10.22 21.37 -0.85
C ALA A 197 -11.26 21.19 0.21
N THR A 198 -11.88 22.28 0.67
CA THR A 198 -12.93 22.24 1.69
C THR A 198 -14.29 22.68 1.13
N ALA A 199 -15.27 21.82 1.35
CA ALA A 199 -16.65 22.04 1.00
C ALA A 199 -17.45 22.25 2.26
N ASP A 200 -17.93 23.46 2.44
CA ASP A 200 -18.66 23.81 3.61
C ASP A 200 -20.10 23.97 3.30
N ASP A 201 -20.93 23.14 3.89
CA ASP A 201 -22.33 23.17 3.56
C ASP A 201 -23.05 24.47 3.95
N ASN A 202 -22.42 25.34 4.73
CA ASN A 202 -23.02 26.60 5.11
C ASN A 202 -22.85 27.65 4.02
N THR A 203 -21.81 27.49 3.21
CA THR A 203 -21.56 28.38 2.09
C THR A 203 -21.91 27.76 0.73
N LYS A 204 -22.02 26.43 0.71
CA LYS A 204 -22.09 25.67 -0.54
C LYS A 204 -20.96 26.00 -1.52
N ILE A 205 -19.79 26.30 -0.98
CA ILE A 205 -18.60 26.57 -1.78
C ILE A 205 -17.54 25.48 -1.50
N LEU A 206 -16.84 25.04 -2.55
CA LEU A 206 -15.70 24.15 -2.44
C LEU A 206 -14.49 25.01 -2.70
N THR A 207 -13.71 25.30 -1.66
CA THR A 207 -12.48 26.13 -1.81
C THR A 207 -11.19 25.24 -1.84
N VAL A 208 -10.44 25.33 -2.94
CA VAL A 208 -9.18 24.59 -3.10
C VAL A 208 -7.97 25.44 -2.70
N ARG A 209 -7.29 25.01 -1.62
CA ARG A 209 -6.11 25.67 -1.13
C ARG A 209 -4.87 24.80 -1.40
N VAL A 210 -3.82 25.45 -1.98
CA VAL A 210 -2.47 24.85 -2.15
C VAL A 210 -1.53 25.54 -1.16
N ASN A 211 -0.86 24.74 -0.35
CA ASN A 211 0.04 25.19 0.70
C ASN A 211 -0.56 26.28 1.58
N GLY A 212 -1.88 26.19 1.82
CA GLY A 212 -2.59 27.14 2.64
C GLY A 212 -3.20 28.30 1.89
N GLU A 213 -3.00 28.39 0.58
CA GLU A 213 -3.49 29.55 -0.17
C GLU A 213 -4.62 29.20 -1.14
N VAL A 214 -5.67 30.01 -1.12
CA VAL A 214 -6.81 29.76 -1.98
C VAL A 214 -6.34 29.88 -3.42
N VAL A 215 -6.67 28.88 -4.24
CA VAL A 215 -6.45 28.97 -5.68
C VAL A 215 -7.73 28.86 -6.49
N LYS A 216 -8.82 28.43 -5.87
CA LYS A 216 -10.02 28.19 -6.61
C LYS A 216 -11.17 28.17 -5.63
N SER A 217 -12.31 28.71 -6.04
CA SER A 217 -13.57 28.61 -5.28
C SER A 217 -14.59 28.07 -6.26
N MET A 218 -15.33 27.04 -5.91
CA MET A 218 -16.31 26.48 -6.85
C MET A 218 -17.64 26.43 -6.12
N PRO A 219 -18.70 27.08 -6.67
CA PRO A 219 -20.02 26.71 -6.16
C PRO A 219 -20.27 25.21 -6.29
N THR A 220 -20.89 24.63 -5.29
CA THR A 220 -21.25 23.21 -5.33
C THR A 220 -22.68 22.94 -4.86
N SER A 221 -23.20 21.78 -5.31
CA SER A 221 -24.44 21.18 -4.82
C SER A 221 -24.14 19.74 -4.44
N MET A 222 -24.26 19.47 -3.16
CA MET A 222 -23.87 18.23 -2.56
C MET A 222 -25.17 17.46 -2.34
N GLY A 223 -25.14 16.49 -1.44
CA GLY A 223 -26.22 15.55 -1.33
C GLY A 223 -27.47 16.11 -0.67
N LYS A 224 -28.62 15.75 -1.24
CA LYS A 224 -29.91 16.05 -0.62
C LYS A 224 -29.98 15.55 0.81
N ASP A 225 -30.82 16.18 1.64
CA ASP A 225 -31.04 15.77 3.03
C ASP A 225 -31.23 14.26 3.11
N SER A 226 -31.93 13.71 2.14
CA SER A 226 -32.26 12.31 2.08
C SER A 226 -31.09 11.41 1.75
N THR A 227 -30.09 11.93 1.05
CA THR A 227 -28.94 11.14 0.63
C THR A 227 -27.76 12.08 0.81
N PRO A 228 -27.42 12.36 2.07
CA PRO A 228 -26.55 13.48 2.33
C PRO A 228 -25.11 13.08 2.07
N THR A 229 -24.29 14.07 1.76
CA THR A 229 -22.85 13.93 1.71
C THR A 229 -22.28 13.89 3.14
N ALA A 230 -21.56 12.82 3.43
CA ALA A 230 -20.97 12.67 4.77
C ALA A 230 -19.87 13.67 5.01
N ASN A 231 -19.85 14.20 6.23
CA ASN A 231 -18.75 15.05 6.66
C ASN A 231 -17.49 14.23 6.85
N GLY A 232 -16.33 14.86 6.76
CA GLY A 232 -15.09 14.20 7.15
C GLY A 232 -14.01 14.43 6.13
N ILE A 233 -12.89 13.72 6.30
CA ILE A 233 -11.77 13.82 5.43
C ILE A 233 -11.77 12.71 4.37
N TYR A 234 -11.72 13.12 3.10
CA TYR A 234 -11.71 12.20 1.96
C TYR A 234 -10.36 12.30 1.23
N ILE A 235 -9.82 11.15 0.82
CA ILE A 235 -8.60 11.06 0.05
C ILE A 235 -8.96 10.93 -1.44
N VAL A 236 -8.37 11.76 -2.28
CA VAL A 236 -8.64 11.69 -3.73
C VAL A 236 -8.07 10.44 -4.30
N GLY A 237 -8.84 9.79 -5.18
CA GLY A 237 -8.52 8.52 -5.74
C GLY A 237 -8.32 8.72 -7.20
N SER A 238 -8.91 7.84 -7.98
CA SER A 238 -8.83 7.88 -9.43
C SER A 238 -9.64 9.01 -10.05
N ARG A 239 -9.29 9.35 -11.29
CA ARG A 239 -10.00 10.35 -12.07
C ARG A 239 -10.42 9.76 -13.44
N TYR A 240 -11.53 10.25 -14.00
CA TYR A 240 -12.06 9.74 -15.25
C TYR A 240 -12.61 10.88 -16.05
N LYS A 241 -12.16 10.96 -17.29
CA LYS A 241 -12.66 11.99 -18.17
C LYS A 241 -14.13 11.76 -18.38
N HIS A 242 -14.47 10.52 -18.60
CA HIS A 242 -15.84 10.17 -18.82
C HIS A 242 -16.13 8.83 -18.11
N ILE A 243 -17.27 8.74 -17.44
CA ILE A 243 -17.72 7.53 -16.72
C ILE A 243 -19.28 7.42 -16.71
N ILE A 244 -19.77 6.20 -16.84
CA ILE A 244 -21.21 5.88 -16.89
C ILE A 244 -21.63 5.18 -15.62
N MET A 245 -22.52 5.81 -14.88
CA MET A 245 -22.99 5.30 -13.61
C MET A 245 -24.36 4.69 -13.80
N ASP A 246 -24.50 3.43 -13.47
CA ASP A 246 -25.64 2.66 -13.92
C ASP A 246 -26.33 1.92 -12.81
N SER A 247 -27.63 2.20 -12.67
CA SER A 247 -28.47 1.61 -11.64
C SER A 247 -28.28 0.14 -11.53
N SER A 248 -28.41 -0.51 -12.65
CA SER A 248 -28.72 -1.92 -12.73
C SER A 248 -27.49 -2.77 -12.52
N THR A 249 -26.40 -2.12 -12.21
CA THR A 249 -25.21 -2.86 -11.85
C THR A 249 -25.51 -3.57 -10.53
N TYR A 250 -26.19 -2.89 -9.60
CA TYR A 250 -26.54 -3.53 -8.31
C TYR A 250 -27.65 -4.50 -8.58
N GLY A 251 -28.81 -3.95 -8.87
CA GLY A 251 -29.90 -4.69 -9.44
C GLY A 251 -31.16 -3.90 -9.60
N VAL A 252 -31.07 -2.58 -9.59
CA VAL A 252 -32.26 -1.70 -9.79
C VAL A 252 -32.32 -1.33 -11.30
N PRO A 253 -33.39 -1.78 -12.01
CA PRO A 253 -33.35 -1.60 -13.46
C PRO A 253 -33.47 -0.12 -13.89
N VAL A 254 -32.74 0.22 -14.95
CA VAL A 254 -32.71 1.60 -15.49
C VAL A 254 -34.14 2.14 -15.69
N ASN A 255 -35.03 1.27 -16.17
CA ASN A 255 -36.40 1.63 -16.42
C ASN A 255 -37.31 1.33 -15.23
N SER A 256 -37.01 1.98 -14.12
CA SER A 256 -37.75 1.87 -12.87
C SER A 256 -37.78 3.29 -12.33
N PRO A 257 -38.73 3.59 -11.44
CA PRO A 257 -38.79 4.95 -10.98
C PRO A 257 -37.65 5.36 -10.00
N ASN A 258 -36.63 4.52 -9.76
CA ASN A 258 -35.35 4.98 -9.13
C ASN A 258 -34.15 4.63 -10.03
N GLY A 259 -34.45 4.14 -11.24
CA GLY A 259 -33.40 3.74 -12.18
C GLY A 259 -32.75 4.94 -12.89
N TYR A 260 -31.51 4.76 -13.35
CA TYR A 260 -30.74 5.79 -14.11
C TYR A 260 -29.55 5.13 -14.84
N ARG A 261 -29.16 5.72 -15.95
CA ARG A 261 -27.88 5.42 -16.60
C ARG A 261 -27.29 6.79 -16.93
N THR A 262 -26.37 7.27 -16.11
CA THR A 262 -25.89 8.66 -16.16
C THR A 262 -24.47 8.76 -16.78
N ASP A 263 -24.37 9.47 -17.90
CA ASP A 263 -23.11 9.93 -18.45
C ASP A 263 -22.57 11.04 -17.59
N VAL A 264 -21.32 10.92 -17.14
CA VAL A 264 -20.70 11.96 -16.28
C VAL A 264 -19.26 12.28 -16.75
N ASP A 265 -18.93 13.57 -16.78
CA ASP A 265 -17.68 14.05 -17.33
C ASP A 265 -16.83 14.48 -16.18
N TRP A 266 -15.50 14.41 -16.37
CA TRP A 266 -14.61 15.04 -15.44
C TRP A 266 -14.84 14.60 -13.98
N ALA A 267 -14.70 13.33 -13.73
CA ALA A 267 -15.15 12.79 -12.45
C ALA A 267 -13.93 12.34 -11.63
N THR A 268 -13.74 12.96 -10.46
CA THR A 268 -12.62 12.66 -9.60
C THR A 268 -13.12 11.95 -8.34
N GLN A 269 -12.78 10.70 -8.15
CA GLN A 269 -13.38 9.90 -7.09
C GLN A 269 -12.80 10.21 -5.73
N ILE A 270 -13.63 10.38 -4.69
CA ILE A 270 -13.06 10.65 -3.35
C ILE A 270 -13.50 9.73 -2.22
N SER A 271 -14.32 8.70 -2.50
CA SER A 271 -14.62 7.61 -1.56
C SER A 271 -14.96 6.35 -2.30
N TYR A 272 -14.61 5.20 -1.71
CA TYR A 272 -15.02 3.94 -2.33
C TYR A 272 -16.52 3.82 -2.34
N SER A 273 -17.23 4.46 -1.38
CA SER A 273 -18.70 4.45 -1.35
C SER A 273 -19.35 5.10 -2.59
N GLY A 274 -18.60 5.92 -3.35
CA GLY A 274 -19.10 6.49 -4.60
C GLY A 274 -19.22 8.00 -4.65
N VAL A 275 -18.65 8.70 -3.70
CA VAL A 275 -18.63 10.14 -3.81
C VAL A 275 -17.56 10.54 -4.85
N PHE A 276 -18.01 11.32 -5.82
CA PHE A 276 -17.15 11.99 -6.76
C PHE A 276 -17.39 13.50 -6.79
N VAL A 277 -16.33 14.24 -7.13
CA VAL A 277 -16.47 15.59 -7.56
C VAL A 277 -16.60 15.46 -9.10
N HIS A 278 -17.73 15.88 -9.67
CA HIS A 278 -17.88 15.81 -11.14
C HIS A 278 -18.69 16.95 -11.72
N SER A 279 -18.68 16.97 -13.04
CA SER A 279 -19.45 17.92 -13.88
C SER A 279 -20.95 17.66 -13.82
N ALA A 280 -21.69 18.66 -13.40
CA ALA A 280 -23.15 18.56 -13.26
C ALA A 280 -23.77 19.77 -13.96
N PRO A 281 -23.79 19.74 -15.32
CA PRO A 281 -24.41 20.85 -16.09
C PRO A 281 -25.90 21.10 -15.65
N TRP A 282 -26.59 20.05 -15.19
CA TRP A 282 -28.00 20.10 -14.87
C TRP A 282 -28.36 20.79 -13.54
N SER A 283 -27.35 21.10 -12.70
CA SER A 283 -27.62 21.66 -11.37
C SER A 283 -26.82 22.96 -11.07
N VAL A 284 -26.25 23.55 -12.13
CA VAL A 284 -25.56 24.85 -12.08
C VAL A 284 -26.34 25.98 -11.44
N GLY A 285 -27.64 26.07 -11.71
CA GLY A 285 -28.51 26.94 -10.94
C GLY A 285 -28.49 26.63 -9.45
N ALA A 286 -28.56 25.36 -9.06
CA ALA A 286 -28.55 25.03 -7.61
C ALA A 286 -27.20 25.13 -6.92
N GLN A 287 -26.11 25.03 -7.68
CA GLN A 287 -24.78 25.13 -7.10
C GLN A 287 -24.58 26.44 -6.38
N GLY A 288 -24.02 26.41 -5.16
CA GLY A 288 -23.88 27.64 -4.33
C GLY A 288 -25.14 27.94 -3.50
N HIS A 289 -26.16 27.07 -3.58
CA HIS A 289 -27.47 27.45 -3.06
C HIS A 289 -28.19 26.33 -2.40
N THR A 290 -28.36 25.23 -3.11
CA THR A 290 -29.30 24.17 -2.69
C THR A 290 -28.65 22.80 -3.03
N ASN A 291 -28.72 21.84 -2.11
CA ASN A 291 -28.24 20.48 -2.35
C ASN A 291 -29.26 19.62 -3.07
N THR A 292 -28.75 18.95 -4.09
CA THR A 292 -29.55 18.35 -5.09
C THR A 292 -29.11 16.94 -5.51
N SER A 293 -27.95 16.49 -5.03
CA SER A 293 -27.36 15.27 -5.56
C SER A 293 -27.66 14.07 -4.70
N HIS A 294 -27.14 12.94 -5.14
CA HIS A 294 -27.17 11.74 -4.39
C HIS A 294 -25.99 11.58 -3.42
N GLY A 295 -25.18 12.61 -3.33
CA GLY A 295 -24.12 12.68 -2.38
C GLY A 295 -22.77 12.94 -2.99
N CYS A 296 -22.60 13.19 -4.37
CA CYS A 296 -21.49 13.70 -5.12
C CYS A 296 -21.41 15.20 -4.97
N LEU A 297 -20.54 15.70 -4.92
CA LEU A 297 -20.13 17.08 -5.04
C LEU A 297 -20.24 17.56 -6.46
N ASN A 298 -21.39 18.14 -6.79
CA ASN A 298 -21.71 18.54 -8.17
C ASN A 298 -21.12 19.91 -8.38
N VAL A 299 -20.31 20.08 -9.43
CA VAL A 299 -19.81 21.38 -9.76
C VAL A 299 -20.05 21.64 -11.28
N SER A 300 -19.71 22.85 -11.76
CA SER A 300 -19.95 23.19 -13.19
C SER A 300 -18.99 22.38 -14.07
N PRO A 301 -19.31 22.23 -15.37
CA PRO A 301 -18.40 21.48 -16.26
C PRO A 301 -16.94 21.99 -16.20
N SER A 302 -16.75 23.30 -16.23
CA SER A 302 -15.37 23.76 -16.31
C SER A 302 -14.64 23.74 -14.95
N ASN A 303 -15.35 23.93 -13.86
CA ASN A 303 -14.84 23.66 -12.53
C ASN A 303 -14.47 22.20 -12.31
N ALA A 304 -15.25 21.30 -12.88
CA ALA A 304 -14.99 19.84 -12.78
C ALA A 304 -13.74 19.46 -13.55
N GLN A 305 -13.52 20.11 -14.69
CA GLN A 305 -12.35 19.87 -15.53
C GLN A 305 -11.13 20.47 -14.88
N TRP A 306 -11.27 21.63 -14.26
CA TRP A 306 -10.18 22.18 -13.46
C TRP A 306 -9.68 21.20 -12.35
N PHE A 307 -10.65 20.63 -11.65
CA PHE A 307 -10.36 19.68 -10.56
C PHE A 307 -9.68 18.44 -11.10
N TYR A 308 -10.26 17.83 -12.14
CA TYR A 308 -9.69 16.69 -12.82
C TYR A 308 -8.27 17.01 -13.26
N ASP A 309 -8.02 18.20 -13.79
CA ASP A 309 -6.68 18.55 -14.25
C ASP A 309 -5.71 18.86 -13.14
N HIS A 310 -6.15 19.47 -12.04
CA HIS A 310 -5.19 20.03 -11.13
C HIS A 310 -5.16 19.29 -9.78
N VAL A 311 -6.08 18.37 -9.50
CA VAL A 311 -6.01 17.57 -8.25
C VAL A 311 -5.40 16.23 -8.56
N LYS A 312 -4.59 15.69 -7.68
CA LYS A 312 -3.96 14.37 -7.91
C LYS A 312 -4.35 13.38 -6.84
N ARG A 313 -4.08 12.14 -7.14
CA ARG A 313 -4.23 11.05 -6.18
C ARG A 313 -3.53 11.43 -4.87
N GLY A 314 -4.27 11.31 -3.79
CA GLY A 314 -3.70 11.60 -2.49
C GLY A 314 -3.97 13.01 -1.96
N ASP A 315 -4.40 13.94 -2.80
CA ASP A 315 -4.86 15.21 -2.31
C ASP A 315 -6.09 14.99 -1.41
N ILE A 316 -6.55 16.02 -0.73
CA ILE A 316 -7.59 15.89 0.26
C ILE A 316 -8.81 16.71 -0.03
N VAL A 317 -10.00 16.14 0.21
CA VAL A 317 -11.22 16.95 0.25
C VAL A 317 -11.82 16.78 1.64
N GLU A 318 -12.15 17.90 2.29
CA GLU A 318 -12.73 17.96 3.61
C GLU A 318 -14.15 18.53 3.47
N VAL A 319 -15.12 17.76 3.90
CA VAL A 319 -16.51 18.20 3.91
C VAL A 319 -16.92 18.54 5.34
N VAL A 320 -17.61 19.67 5.54
CA VAL A 320 -18.01 20.13 6.88
C VAL A 320 -19.37 20.81 6.94
N ASN A 321 -20.07 20.63 8.06
CA ASN A 321 -21.39 21.22 8.31
C ASN A 321 -22.60 20.66 7.50
N THR A 322 -22.50 19.49 6.90
CA THR A 322 -23.66 18.88 6.21
C THR A 322 -24.53 18.13 7.19
N VAL A 323 -25.63 17.58 6.70
CA VAL A 323 -26.54 16.85 7.57
C VAL A 323 -26.21 15.36 7.64
N GLY A 324 -25.09 14.94 7.07
CA GLY A 324 -24.77 13.54 7.09
C GLY A 324 -24.01 13.24 8.34
N GLY A 325 -23.58 12.00 8.48
CA GLY A 325 -22.64 11.61 9.54
C GLY A 325 -21.23 11.84 9.04
N THR A 326 -20.32 10.99 9.48
CA THR A 326 -18.92 11.10 9.16
C THR A 326 -18.58 9.97 8.27
N LEU A 327 -17.73 10.21 7.29
CA LEU A 327 -17.27 9.18 6.37
C LEU A 327 -16.61 8.01 7.13
N PRO A 328 -16.97 6.77 6.77
CA PRO A 328 -16.37 5.70 7.60
C PRO A 328 -14.84 5.69 7.47
N GLY A 329 -14.15 5.47 8.56
CA GLY A 329 -12.70 5.25 8.53
C GLY A 329 -12.22 4.12 7.67
N ILE A 330 -13.04 3.09 7.47
CA ILE A 330 -12.61 1.98 6.62
C ILE A 330 -13.30 2.02 5.24
N ASP A 331 -13.64 3.21 4.76
CA ASP A 331 -14.33 3.29 3.44
C ASP A 331 -13.39 2.72 2.40
N GLY A 332 -12.09 3.00 2.56
CA GLY A 332 -11.15 2.82 1.53
C GLY A 332 -10.42 4.09 1.24
N LEU A 333 -11.10 5.23 1.34
CA LEU A 333 -10.47 6.56 1.18
C LEU A 333 -10.71 7.46 2.42
N GLY A 334 -11.16 6.81 3.48
CA GLY A 334 -11.60 7.47 4.72
C GLY A 334 -10.69 7.28 5.91
N ASP A 335 -9.47 6.84 5.63
CA ASP A 335 -8.45 6.57 6.67
C ASP A 335 -8.23 7.73 7.67
N TRP A 336 -8.22 8.97 7.23
CA TRP A 336 -7.88 10.07 8.14
C TRP A 336 -8.98 10.36 9.20
N ASN A 337 -10.15 9.75 9.08
CA ASN A 337 -11.21 9.95 9.99
C ASN A 337 -11.07 9.09 11.25
N ILE A 338 -10.13 8.16 11.23
CA ILE A 338 -9.84 7.37 12.40
C ILE A 338 -8.87 8.13 13.25
N PRO A 339 -9.25 8.42 14.51
CA PRO A 339 -8.34 9.13 15.39
C PRO A 339 -7.02 8.41 15.61
N TRP A 340 -5.97 9.19 15.80
CA TRP A 340 -4.61 8.66 15.86
C TRP A 340 -4.44 7.59 16.92
N ASP A 341 -4.96 7.75 18.15
CA ASP A 341 -4.70 6.69 19.17
C ASP A 341 -5.28 5.38 18.75
N GLN A 342 -6.38 5.42 18.10
CA GLN A 342 -6.98 4.21 17.57
C GLN A 342 -6.21 3.61 16.38
N TRP A 343 -5.82 4.48 15.46
CA TRP A 343 -5.11 4.04 14.26
C TRP A 343 -3.80 3.42 14.67
N ARG A 344 -3.03 4.14 15.50
CA ARG A 344 -1.73 3.64 15.91
C ARG A 344 -1.82 2.32 16.74
N ALA A 345 -2.85 2.22 17.55
CA ALA A 345 -3.03 1.00 18.35
C ALA A 345 -3.26 -0.19 17.39
N GLY A 346 -3.72 0.10 16.20
CA GLY A 346 -3.78 -0.92 15.12
C GLY A 346 -4.87 -1.96 15.42
N ASN A 347 -4.92 -2.98 14.59
CA ASN A 347 -5.93 -4.04 14.75
C ASN A 347 -5.33 -5.35 14.28
N ALA A 348 -4.02 -5.51 14.51
CA ALA A 348 -3.30 -6.65 14.03
C ALA A 348 -3.79 -7.96 14.74
N LYS A 349 -4.40 -7.82 15.89
CA LYS A 349 -4.96 -9.00 16.54
C LYS A 349 -6.47 -9.23 16.43
N2 MLD B . 22.77 -22.80 15.80
C2 MLD B . 22.54 -22.77 14.36
O5 MLD B . 22.08 -20.91 12.92
C1 MLD B . 23.12 -21.53 13.67
O1 MLD B . 23.72 -20.67 14.69
CA4 MLD B . 24.31 -19.39 14.42
CA5 MLD B . 23.21 -18.32 14.08
OA5 MLD B . 23.49 -17.82 12.78
CA6 MLD B . 23.26 -17.02 14.91
OA6 MLD B . 24.32 -16.32 14.26
CA1 MLD B . 24.67 -17.04 13.05
CA2 MLD B . 25.92 -18.01 13.10
NAD MLD B . 26.89 -17.95 11.95
CAE MLD B . 26.85 -17.43 10.66
CAF MLD B . 25.75 -16.68 10.20
OAG MLD B . 27.69 -17.58 9.79
CA3 MLD B . 25.45 -19.49 13.38
OAH MLD B . 26.46 -20.52 13.77
CAI MLD B . 26.36 -21.99 13.52
CAJ MLD B . 25.74 -22.80 14.63
CAL MLD B . 27.61 -22.86 13.20
OAM MLD B . 27.80 -22.99 12.01
N MLD B . 28.47 -23.52 14.07
CA MLD B . 29.72 -24.21 13.61
CB MLD B . 30.63 -24.69 14.75
C MLD B . 29.33 -25.36 12.71
O MLD B . 28.32 -25.98 13.02
NAN MLD B . 30.03 -25.62 11.58
CAO MLD B . 29.69 -26.66 10.65
CAP MLD B . 29.66 -26.35 9.17
OBA MLD B . 29.71 -27.34 8.40
OAQ MLD B . 29.55 -25.20 8.68
CBB MLD B . 30.64 -27.77 11.01
CBC MLD B . 29.67 -28.91 11.29
CBD MLD B . 30.41 -29.97 12.03
OBE MLD B . 30.03 -30.24 13.15
NBF MLD B . 31.49 -30.47 11.42
CBG MLD B . 32.51 -31.26 12.11
CBP MLD B . 33.24 -32.11 11.07
CBQ MLD B . 34.42 -32.87 11.67
CBR MLD B . 34.03 -33.89 12.74
CBS MLD B . 32.84 -34.84 12.46
CBT MLD B . 32.83 -35.46 11.07
OBV MLD B . 32.31 -36.59 10.95
OBU MLD B . 33.33 -34.86 10.09
NBW MLD B . 31.60 -34.14 12.72
OAF 3V5 C . -23.94 6.81 -4.27
CAS 3V5 C . -23.37 7.55 -5.06
OAH 3V5 C . -22.86 8.62 -4.75
CAX 3V5 C . -23.37 7.15 -6.48
CAW 3V5 C . -22.01 7.31 -7.14
SAQ 3V5 C . -21.60 5.73 -7.83
CAK 3V5 C . -19.97 5.16 -7.50
NAN 3V5 C . -19.95 3.89 -6.81
CAJ 3V5 C . -21.14 3.07 -6.67
NAB 3V5 C . -21.97 3.53 -5.58
CAM 3V5 C . -22.20 8.44 -8.17
NAO 3V5 C . -24.21 8.08 -7.15
CAV 3V5 C . -23.30 9.15 -7.42
CAY 3V5 C . -23.99 10.43 -7.77
CAR 3V5 C . -24.33 10.84 -9.20
CAA 3V5 C . -25.29 9.99 -9.97
OAE 3V5 C . -23.96 11.90 -9.68
CAT 3V5 C . -23.28 11.36 -6.85
OAG 3V5 C . -23.95 11.86 -6.00
#